data_5N8A
#
_entry.id   5N8A
#
_cell.length_a   38.050
_cell.length_b   53.490
_cell.length_c   53.900
_cell.angle_alpha   90.000
_cell.angle_beta   90.000
_cell.angle_gamma   90.000
#
_symmetry.space_group_name_H-M   'P 21 21 21'
#
loop_
_entity.id
_entity.type
_entity.pdbx_description
1 polymer 'DNA-directed primase/polymerase protein'
2 polymer 'Replication protein A 70 kDa DNA-binding subunit'
3 water water
#
loop_
_entity_poly.entity_id
_entity_poly.type
_entity_poly.pdbx_seq_one_letter_code
_entity_poly.pdbx_strand_id
1 'polypeptide(L)'
;MGSSHHHHHHSSGLVPRGSHMTTDEADETRSNETQNPHKPSPSRLSTGASADAVWDNGIDDAYFLEATEDAELAEAAENS
LLSYNSEVDEIPDELIIEVLQE
;
X
2 'polypeptide(L)'
;HMVGQLSRGAIAAIMQKGDTNIKPILQVINIRPITTGNSPPRYRLLMSDGLNTLSSFMLATQLNPLVEEEQLSSNCVCQI
HRFIVNTLKDGRRVVILMELEVLKSAEAVGVKIGNPVPYNE
;
A
#
# COMPACT_ATOMS: atom_id res chain seq x y z
N GLU A 90 -7.91 6.22 -7.13
CA GLU A 90 -8.12 7.43 -7.92
C GLU A 90 -7.50 7.29 -9.31
N ILE A 91 -6.26 6.81 -9.37
CA ILE A 91 -5.66 6.46 -10.66
C ILE A 91 -6.42 5.26 -11.20
N PRO A 92 -6.97 5.33 -12.41
CA PRO A 92 -7.70 4.18 -12.96
C PRO A 92 -6.77 3.02 -13.26
N ASP A 93 -7.36 1.82 -13.31
CA ASP A 93 -6.59 0.60 -13.53
C ASP A 93 -5.78 0.68 -14.82
N GLU A 94 -6.35 1.25 -15.89
CA GLU A 94 -5.65 1.29 -17.17
C GLU A 94 -4.43 2.18 -17.15
N LEU A 95 -4.36 3.13 -16.21
CA LEU A 95 -3.21 4.02 -16.12
C LEU A 95 -2.22 3.62 -15.03
N ILE A 96 -2.67 2.91 -13.99
CA ILE A 96 -1.80 2.62 -12.86
C ILE A 96 -0.71 1.61 -13.23
N ILE A 97 -0.96 0.77 -14.24
CA ILE A 97 0.01 -0.25 -14.63
C ILE A 97 0.94 0.20 -15.75
N GLU A 98 0.84 1.45 -16.17
CA GLU A 98 1.69 1.97 -17.24
C GLU A 98 2.85 2.79 -16.68
N HIS B 1 -3.68 3.47 22.25
CA HIS B 1 -3.21 4.41 21.24
C HIS B 1 -2.75 3.65 19.99
N MET B 2 -3.74 3.03 19.33
CA MET B 2 -3.41 2.12 18.24
CA MET B 2 -3.43 2.12 18.22
C MET B 2 -2.65 2.81 17.11
N VAL B 3 -2.89 4.11 16.89
CA VAL B 3 -2.22 4.80 15.80
C VAL B 3 -0.72 4.93 16.05
N GLY B 4 -0.30 4.82 17.30
CA GLY B 4 1.12 4.78 17.59
C GLY B 4 1.83 3.56 17.02
N GLN B 5 1.10 2.57 16.52
CA GLN B 5 1.71 1.42 15.86
C GLN B 5 2.06 1.68 14.40
N LEU B 6 1.59 2.79 13.82
CA LEU B 6 1.77 3.08 12.40
C LEU B 6 2.74 4.25 12.22
N SER B 7 3.45 4.26 11.10
CA SER B 7 4.43 5.29 10.78
C SER B 7 3.76 6.57 10.31
N ARG B 8 3.15 7.28 11.25
CA ARG B 8 2.44 8.52 10.93
C ARG B 8 3.38 9.49 10.21
N GLY B 9 2.94 9.96 9.05
CA GLY B 9 3.71 10.87 8.23
C GLY B 9 4.51 10.21 7.13
N ALA B 10 4.57 8.88 7.09
CA ALA B 10 5.34 8.20 6.07
C ALA B 10 4.77 8.45 4.68
N ILE B 11 3.46 8.52 4.53
CA ILE B 11 2.90 8.71 3.19
C ILE B 11 3.33 10.06 2.61
N ALA B 12 3.22 11.11 3.42
CA ALA B 12 3.71 12.41 2.97
C ALA B 12 5.20 12.37 2.64
N ALA B 13 6.00 11.68 3.46
CA ALA B 13 7.43 11.61 3.20
C ALA B 13 7.72 10.92 1.87
N ILE B 14 7.00 9.84 1.58
CA ILE B 14 7.19 9.15 0.30
C ILE B 14 6.79 10.05 -0.85
N MET B 15 5.60 10.65 -0.76
N MET B 15 5.60 10.63 -0.76
CA MET B 15 5.05 11.37 -1.90
CA MET B 15 5.05 11.42 -1.85
C MET B 15 5.63 12.79 -2.06
C MET B 15 5.85 12.69 -2.07
N GLN B 16 6.14 13.41 -0.99
CA GLN B 16 6.74 14.74 -1.09
C GLN B 16 8.25 14.72 -1.22
N LYS B 17 8.94 13.85 -0.47
CA LYS B 17 10.40 13.84 -0.48
C LYS B 17 10.98 12.74 -1.34
N GLY B 18 10.16 11.81 -1.82
CA GLY B 18 10.71 10.67 -2.53
C GLY B 18 11.62 9.81 -1.68
N ASP B 19 11.46 9.87 -0.36
CA ASP B 19 12.25 9.07 0.57
C ASP B 19 11.90 7.59 0.37
N THR B 20 12.87 6.79 -0.10
CA THR B 20 12.68 5.35 -0.24
C THR B 20 13.55 4.54 0.71
N ASN B 21 14.26 5.20 1.63
CA ASN B 21 15.07 4.49 2.63
C ASN B 21 14.28 4.11 3.87
N ILE B 22 13.18 4.81 4.16
CA ILE B 22 12.36 4.45 5.30
C ILE B 22 11.78 3.05 5.10
N LYS B 23 11.48 2.39 6.22
CA LYS B 23 10.80 1.09 6.24
C LYS B 23 9.51 1.24 7.02
N PRO B 24 8.54 1.99 6.47
CA PRO B 24 7.38 2.40 7.27
C PRO B 24 6.43 1.26 7.57
N ILE B 25 5.73 1.41 8.68
CA ILE B 25 4.71 0.46 9.10
C ILE B 25 3.36 1.08 8.74
N LEU B 26 2.61 0.39 7.90
CA LEU B 26 1.35 0.87 7.35
C LEU B 26 0.27 -0.15 7.59
N GLN B 27 -0.98 0.29 7.53
CA GLN B 27 -2.12 -0.60 7.60
C GLN B 27 -2.78 -0.73 6.23
N VAL B 28 -3.11 -1.95 5.84
CA VAL B 28 -3.91 -2.17 4.64
C VAL B 28 -5.35 -1.83 4.97
N ILE B 29 -5.94 -0.94 4.20
CA ILE B 29 -7.37 -0.65 4.34
C ILE B 29 -8.19 -1.48 3.38
N ASN B 30 -7.75 -1.60 2.13
CA ASN B 30 -8.46 -2.40 1.14
C ASN B 30 -7.45 -2.91 0.12
N ILE B 31 -7.80 -4.02 -0.53
CA ILE B 31 -7.03 -4.61 -1.62
C ILE B 31 -8.03 -5.02 -2.68
N ARG B 32 -7.72 -4.77 -3.93
CA ARG B 32 -8.56 -5.34 -4.98
C ARG B 32 -7.69 -5.64 -6.18
N PRO B 33 -8.13 -6.55 -7.05
CA PRO B 33 -7.40 -6.78 -8.29
C PRO B 33 -7.52 -5.57 -9.19
N ILE B 34 -6.48 -5.35 -9.96
CA ILE B 34 -6.45 -4.40 -11.05
C ILE B 34 -6.89 -5.14 -12.30
N THR B 35 -7.65 -4.46 -13.17
CA THR B 35 -8.02 -5.07 -14.43
C THR B 35 -6.78 -5.45 -15.22
N THR B 36 -6.67 -6.74 -15.56
CA THR B 36 -5.54 -7.24 -16.33
C THR B 36 -6.04 -8.17 -17.44
N GLY B 37 -5.20 -8.37 -18.44
CA GLY B 37 -5.54 -9.23 -19.56
C GLY B 37 -4.97 -10.63 -19.42
N ASN B 38 -4.17 -11.05 -20.40
CA ASN B 38 -3.54 -12.38 -20.36
C ASN B 38 -2.14 -12.26 -19.73
N SER B 39 -2.16 -12.12 -18.40
CA SER B 39 -0.96 -11.85 -17.62
C SER B 39 -1.23 -12.29 -16.20
N PRO B 40 -0.20 -12.35 -15.34
CA PRO B 40 -0.45 -12.57 -13.92
C PRO B 40 -1.36 -11.49 -13.39
N PRO B 41 -2.21 -11.81 -12.43
CA PRO B 41 -3.07 -10.77 -11.84
C PRO B 41 -2.21 -9.74 -11.14
N ARG B 42 -2.78 -8.55 -10.96
CA ARG B 42 -2.11 -7.48 -10.24
C ARG B 42 -3.07 -6.96 -9.18
N TYR B 43 -2.50 -6.51 -8.05
CA TYR B 43 -3.30 -6.01 -6.93
C TYR B 43 -2.93 -4.59 -6.58
N ARG B 44 -3.94 -3.79 -6.29
CA ARG B 44 -3.77 -2.43 -5.81
C ARG B 44 -4.31 -2.32 -4.40
N LEU B 45 -3.69 -1.43 -3.61
CA LEU B 45 -4.00 -1.32 -2.19
C LEU B 45 -4.30 0.12 -1.82
N LEU B 46 -5.26 0.28 -0.93
CA LEU B 46 -5.47 1.50 -0.18
C LEU B 46 -4.79 1.29 1.17
N MET B 47 -3.76 2.08 1.46
CA MET B 47 -3.04 1.90 2.71
CA MET B 47 -2.93 1.94 2.65
C MET B 47 -3.07 3.19 3.52
N SER B 48 -2.82 3.01 4.82
CA SER B 48 -2.90 4.08 5.81
C SER B 48 -1.61 4.14 6.62
N ASP B 49 -1.14 5.35 6.90
CA ASP B 49 -0.07 5.56 7.88
C ASP B 49 -0.61 6.09 9.20
N GLY B 50 -1.93 6.07 9.39
CA GLY B 50 -2.55 6.62 10.58
C GLY B 50 -3.05 8.04 10.43
N LEU B 51 -2.38 8.85 9.59
CA LEU B 51 -2.82 10.21 9.30
C LEU B 51 -3.50 10.31 7.95
N ASN B 52 -2.92 9.68 6.93
CA ASN B 52 -3.43 9.69 5.58
C ASN B 52 -3.66 8.28 5.08
N THR B 53 -4.58 8.18 4.11
CA THR B 53 -4.65 7.03 3.22
C THR B 53 -4.18 7.43 1.84
N LEU B 54 -3.77 6.43 1.08
CA LEU B 54 -3.35 6.63 -0.30
C LEU B 54 -3.74 5.39 -1.08
N SER B 55 -4.38 5.58 -2.24
CA SER B 55 -4.92 4.47 -3.02
C SER B 55 -3.98 4.01 -4.13
N SER B 56 -2.82 4.63 -4.27
CA SER B 56 -1.94 4.39 -5.41
CA SER B 56 -1.94 4.39 -5.41
C SER B 56 -0.82 3.40 -5.11
N PHE B 57 -1.07 2.43 -4.25
CA PHE B 57 -0.11 1.37 -4.01
C PHE B 57 -0.40 0.19 -4.92
N MET B 58 0.67 -0.38 -5.46
CA MET B 58 0.62 -1.56 -6.30
CA MET B 58 0.57 -1.58 -6.26
C MET B 58 1.53 -2.63 -5.72
N LEU B 59 1.07 -3.86 -5.70
CA LEU B 59 1.91 -4.96 -5.22
C LEU B 59 2.77 -5.48 -6.38
N ALA B 60 4.07 -5.65 -6.14
CA ALA B 60 4.87 -6.40 -7.08
C ALA B 60 4.28 -7.81 -7.22
N THR B 61 4.29 -8.34 -8.44
CA THR B 61 3.65 -9.63 -8.66
CA THR B 61 3.65 -9.63 -8.68
C THR B 61 4.31 -10.75 -7.88
N GLN B 62 5.59 -10.62 -7.53
CA GLN B 62 6.23 -11.63 -6.70
C GLN B 62 5.57 -11.76 -5.34
N LEU B 63 4.79 -10.75 -4.90
CA LEU B 63 4.08 -10.79 -3.64
C LEU B 63 2.64 -11.26 -3.78
N ASN B 64 2.18 -11.58 -4.99
CA ASN B 64 0.80 -12.03 -5.18
C ASN B 64 0.39 -13.16 -4.24
N PRO B 65 1.24 -14.15 -3.94
CA PRO B 65 0.79 -15.22 -3.04
C PRO B 65 0.35 -14.71 -1.68
N LEU B 66 0.87 -13.57 -1.21
CA LEU B 66 0.45 -13.05 0.09
CA LEU B 66 0.45 -13.06 0.08
C LEU B 66 -1.03 -12.68 0.07
N VAL B 67 -1.51 -12.15 -1.05
CA VAL B 67 -2.92 -11.80 -1.18
C VAL B 67 -3.76 -13.04 -1.40
N GLU B 68 -3.30 -13.89 -2.31
CA GLU B 68 -4.08 -15.05 -2.72
C GLU B 68 -4.21 -16.09 -1.61
N GLU B 69 -3.23 -16.18 -0.72
CA GLU B 69 -3.31 -17.09 0.43
C GLU B 69 -3.81 -16.39 1.69
N GLU B 70 -4.26 -15.14 1.56
CA GLU B 70 -5.02 -14.43 2.59
C GLU B 70 -4.18 -14.05 3.80
N GLN B 71 -2.87 -13.92 3.65
CA GLN B 71 -2.05 -13.40 4.74
C GLN B 71 -1.98 -11.89 4.73
N LEU B 72 -2.02 -11.28 3.55
CA LEU B 72 -2.08 -9.84 3.39
C LEU B 72 -3.52 -9.51 3.03
N SER B 73 -4.24 -8.88 3.95
CA SER B 73 -5.64 -8.58 3.72
CA SER B 73 -5.67 -8.65 3.80
C SER B 73 -6.03 -7.34 4.49
N SER B 74 -7.24 -6.84 4.19
CA SER B 74 -7.72 -5.62 4.81
CA SER B 74 -7.73 -5.61 4.81
C SER B 74 -7.66 -5.69 6.32
N ASN B 75 -7.08 -4.64 6.92
CA ASN B 75 -6.86 -4.39 8.35
C ASN B 75 -5.51 -4.85 8.83
N CYS B 76 -4.78 -5.67 8.07
CA CYS B 76 -3.48 -6.10 8.58
C CYS B 76 -2.50 -4.93 8.61
N VAL B 77 -1.51 -5.08 9.49
CA VAL B 77 -0.44 -4.09 9.66
C VAL B 77 0.83 -4.71 9.13
N CYS B 78 1.54 -3.97 8.26
N CYS B 78 1.51 -3.97 8.24
CA CYS B 78 2.71 -4.52 7.60
CA CYS B 78 2.70 -4.44 7.54
C CYS B 78 3.82 -3.47 7.54
C CYS B 78 3.83 -3.44 7.71
N GLN B 79 5.05 -3.95 7.56
CA GLN B 79 6.22 -3.10 7.42
C GLN B 79 6.73 -3.23 5.99
N ILE B 80 6.92 -2.10 5.33
CA ILE B 80 7.42 -2.09 3.97
C ILE B 80 8.94 -2.09 4.01
N HIS B 81 9.56 -3.13 3.49
CA HIS B 81 11.01 -3.24 3.49
C HIS B 81 11.67 -2.78 2.21
N ARG B 82 10.96 -2.76 1.10
CA ARG B 82 11.51 -2.28 -0.16
C ARG B 82 10.34 -1.82 -1.01
N PHE B 83 10.44 -0.59 -1.52
CA PHE B 83 9.43 -0.07 -2.43
C PHE B 83 10.09 0.87 -3.42
N ILE B 84 9.40 1.11 -4.52
CA ILE B 84 9.87 2.06 -5.51
C ILE B 84 8.70 2.95 -5.88
N VAL B 85 9.01 4.17 -6.30
CA VAL B 85 7.99 5.10 -6.76
C VAL B 85 8.12 5.21 -8.27
N ASN B 86 7.00 5.15 -8.97
CA ASN B 86 6.97 5.40 -10.40
CA ASN B 86 6.94 5.37 -10.41
C ASN B 86 6.00 6.53 -10.70
N THR B 87 6.43 7.47 -11.50
CA THR B 87 5.64 8.64 -11.84
C THR B 87 5.10 8.47 -13.26
N LEU B 88 3.79 8.58 -13.40
CA LEU B 88 3.10 8.42 -14.66
C LEU B 88 3.27 9.68 -15.52
N LYS B 89 2.97 9.53 -16.82
CA LYS B 89 3.03 10.67 -17.73
C LYS B 89 2.18 11.83 -17.23
N ASP B 90 1.04 11.52 -16.60
CA ASP B 90 0.13 12.58 -16.17
C ASP B 90 0.56 13.24 -14.87
N GLY B 91 1.62 12.76 -14.23
CA GLY B 91 2.16 13.35 -13.03
C GLY B 91 1.84 12.61 -11.75
N ARG B 92 0.86 11.72 -11.76
CA ARG B 92 0.52 11.01 -10.53
C ARG B 92 1.55 9.92 -10.25
N ARG B 93 1.73 9.64 -8.97
CA ARG B 93 2.74 8.70 -8.53
C ARG B 93 2.13 7.41 -8.03
N VAL B 94 2.78 6.32 -8.37
CA VAL B 94 2.42 4.98 -7.93
CA VAL B 94 2.39 5.00 -7.87
C VAL B 94 3.53 4.46 -7.03
N VAL B 95 3.16 3.84 -5.91
CA VAL B 95 4.13 3.25 -5.00
C VAL B 95 4.05 1.75 -5.16
N ILE B 96 5.14 1.14 -5.65
CA ILE B 96 5.16 -0.30 -5.89
C ILE B 96 5.84 -0.98 -4.71
N LEU B 97 5.10 -1.84 -4.03
CA LEU B 97 5.62 -2.56 -2.87
C LEU B 97 6.34 -3.81 -3.32
N MET B 98 7.63 -3.90 -3.02
CA MET B 98 8.48 -4.99 -3.48
CA MET B 98 8.44 -5.01 -3.48
C MET B 98 8.74 -6.04 -2.41
N GLU B 99 8.92 -5.62 -1.16
CA GLU B 99 9.14 -6.52 -0.05
C GLU B 99 8.39 -5.94 1.13
N LEU B 100 7.64 -6.79 1.81
CA LEU B 100 6.99 -6.35 3.04
C LEU B 100 6.83 -7.54 3.97
N GLU B 101 6.65 -7.23 5.25
CA GLU B 101 6.35 -8.25 6.23
C GLU B 101 5.04 -7.91 6.91
N VAL B 102 4.16 -8.89 7.07
CA VAL B 102 2.94 -8.70 7.84
C VAL B 102 3.29 -8.82 9.31
N LEU B 103 3.12 -7.73 10.04
CA LEU B 103 3.44 -7.72 11.47
C LEU B 103 2.30 -8.23 12.34
N LYS B 104 1.07 -7.96 11.92
CA LYS B 104 -0.10 -8.37 12.68
C LYS B 104 -1.19 -8.65 11.67
N SER B 105 -1.81 -9.82 11.78
CA SER B 105 -2.80 -10.25 10.82
C SER B 105 -4.05 -9.38 10.93
N ALA B 106 -4.84 -9.39 9.85
CA ALA B 106 -6.09 -8.64 9.85
C ALA B 106 -6.97 -9.06 11.02
N GLU B 107 -6.99 -10.37 11.30
CA GLU B 107 -7.82 -10.89 12.37
C GLU B 107 -7.36 -10.41 13.74
N ALA B 108 -6.06 -10.19 13.91
CA ALA B 108 -5.54 -9.72 15.19
C ALA B 108 -5.70 -8.22 15.36
N VAL B 109 -5.84 -7.46 14.27
CA VAL B 109 -6.02 -6.01 14.33
C VAL B 109 -7.50 -5.67 14.38
N GLY B 110 -8.25 -6.13 13.37
CA GLY B 110 -9.69 -6.16 13.43
C GLY B 110 -10.43 -4.94 12.91
N VAL B 111 -9.78 -3.78 12.85
CA VAL B 111 -10.45 -2.52 12.54
C VAL B 111 -9.46 -1.58 11.87
N LYS B 112 -9.98 -0.62 11.11
CA LYS B 112 -9.17 0.49 10.66
C LYS B 112 -8.68 1.30 11.86
N ILE B 113 -7.38 1.55 11.90
CA ILE B 113 -6.77 2.27 13.02
C ILE B 113 -6.92 3.77 12.82
N GLY B 114 -7.42 4.45 13.83
CA GLY B 114 -7.48 5.89 13.75
C GLY B 114 -8.50 6.40 12.73
N ASN B 115 -8.28 7.64 12.30
CA ASN B 115 -9.18 8.31 11.36
C ASN B 115 -8.38 8.96 10.23
N PRO B 116 -7.67 8.17 9.44
CA PRO B 116 -6.85 8.74 8.37
C PRO B 116 -7.72 9.34 7.27
N VAL B 117 -7.21 10.41 6.65
CA VAL B 117 -7.93 11.09 5.59
C VAL B 117 -7.16 10.97 4.28
N PRO B 118 -7.81 11.03 3.12
CA PRO B 118 -7.08 10.83 1.87
C PRO B 118 -5.98 11.85 1.68
N TYR B 119 -4.82 11.36 1.26
CA TYR B 119 -3.70 12.23 0.94
C TYR B 119 -4.03 13.09 -0.27
N ASN B 120 -3.67 14.36 -0.19
CA ASN B 120 -3.90 15.33 -1.26
C ASN B 120 -2.61 15.40 -2.06
N GLU B 121 -2.58 14.70 -3.20
CA GLU B 121 -1.40 14.62 -4.02
C GLU B 121 -1.24 15.86 -4.89
#